data_6STV
#
_entry.id   6STV
#
_cell.length_a   104.290
_cell.length_b   104.290
_cell.length_c   104.290
_cell.angle_alpha   90.000
_cell.angle_beta   90.000
_cell.angle_gamma   90.000
#
_symmetry.space_group_name_H-M   'P 2 3'
#
loop_
_entity.id
_entity.type
_entity.pdbx_description
1 polymer Fiber
2 non-polymer 'PHOSPHATE ION'
3 non-polymer GLYCEROL
4 water water
#
_entity_poly.entity_id   1
_entity_poly.type   'polypeptide(L)'
_entity_poly.pdbx_seq_one_letter_code
;LTLWTTLDPSPNCKIDIEKDSKLTLVLTKCGSQILANVSLIIVNGKFKILNNKTDPSLPKSFNIKLLFDQNGVLLENSNI
EKQYLNFRSGDSILPEPYKNAIGFMPNLLAYAKATTDQSKIYARNTIYGNIYLDNQPYNPVVIKITFNNEADSAYSITFN
YSWTKDYDNIPFDSTSFTFSYIAQE
;
_entity_poly.pdbx_strand_id   A,B
#
loop_
_chem_comp.id
_chem_comp.type
_chem_comp.name
_chem_comp.formula
GOL non-polymer GLYCEROL 'C3 H8 O3'
PO4 non-polymer 'PHOSPHATE ION' 'O4 P -3'
#
# COMPACT_ATOMS: atom_id res chain seq x y z
N LEU A 1 -2.46 -14.31 -30.45
CA LEU A 1 -3.06 -13.07 -29.86
C LEU A 1 -2.28 -12.72 -28.57
N THR A 2 -1.81 -11.47 -28.49
CA THR A 2 -0.95 -11.03 -27.37
C THR A 2 -1.60 -9.78 -26.75
N LEU A 3 -1.70 -9.75 -25.44
CA LEU A 3 -1.97 -8.55 -24.63
C LEU A 3 -0.70 -8.24 -23.83
N TRP A 4 -0.15 -7.05 -23.96
CA TRP A 4 1.19 -6.73 -23.42
C TRP A 4 1.32 -5.26 -23.03
N THR A 5 2.28 -5.04 -22.14
CA THR A 5 2.90 -3.75 -21.86
C THR A 5 3.85 -3.39 -22.99
N THR A 6 4.39 -2.18 -22.94
CA THR A 6 5.58 -1.83 -23.75
C THR A 6 6.74 -2.67 -23.20
N LEU A 7 7.80 -2.81 -24.00
CA LEU A 7 8.96 -3.63 -23.57
C LEU A 7 10.11 -2.73 -23.12
N ASP A 8 9.99 -1.40 -23.24
CA ASP A 8 11.12 -0.52 -22.88
C ASP A 8 11.18 -0.40 -21.36
N PRO A 9 12.14 0.36 -20.79
CA PRO A 9 12.25 0.47 -19.34
C PRO A 9 11.37 1.58 -18.72
N SER A 10 10.61 2.30 -19.54
CA SER A 10 9.72 3.44 -19.18
C SER A 10 8.76 3.00 -18.08
N PRO A 11 8.65 3.67 -16.92
CA PRO A 11 7.76 3.13 -15.88
C PRO A 11 6.28 3.18 -16.31
N ASN A 12 5.48 2.26 -15.79
CA ASN A 12 4.02 2.13 -16.08
C ASN A 12 3.21 1.81 -14.82
N CYS A 13 3.82 1.86 -13.65
CA CYS A 13 3.27 1.25 -12.42
C CYS A 13 3.54 2.13 -11.20
N LYS A 14 2.61 2.10 -10.23
CA LYS A 14 2.79 2.74 -8.92
C LYS A 14 2.73 1.65 -7.84
N ILE A 15 3.87 1.39 -7.21
CA ILE A 15 3.92 0.57 -5.97
C ILE A 15 3.86 1.53 -4.77
N ASP A 16 4.80 2.47 -4.69
CA ASP A 16 4.86 3.49 -3.60
C ASP A 16 4.45 4.84 -4.19
N ILE A 17 5.26 5.39 -5.08
CA ILE A 17 5.01 6.73 -5.70
C ILE A 17 4.70 6.56 -7.19
N GLU A 18 4.10 7.60 -7.78
CA GLU A 18 3.61 7.58 -9.18
C GLU A 18 4.78 7.15 -10.05
N LYS A 19 4.52 6.20 -10.95
CA LYS A 19 5.50 5.85 -12.00
C LYS A 19 6.83 5.47 -11.37
N ASP A 20 6.78 4.66 -10.31
CA ASP A 20 8.05 4.27 -9.65
C ASP A 20 8.54 2.96 -10.22
N SER A 21 7.81 2.32 -11.10
CA SER A 21 8.20 0.96 -11.54
C SER A 21 7.72 0.63 -12.96
N LYS A 22 8.41 -0.31 -13.60
CA LYS A 22 8.01 -0.88 -14.91
C LYS A 22 7.71 -2.34 -14.69
N LEU A 23 6.45 -2.72 -14.74
CA LEU A 23 6.06 -4.15 -14.86
C LEU A 23 5.99 -4.51 -16.34
N THR A 24 6.89 -5.36 -16.83
CA THR A 24 6.83 -5.80 -18.22
C THR A 24 6.06 -7.10 -18.20
N LEU A 25 4.89 -7.12 -18.85
CA LEU A 25 3.99 -8.28 -18.80
C LEU A 25 3.50 -8.60 -20.19
N VAL A 26 3.80 -9.82 -20.65
CA VAL A 26 3.42 -10.33 -21.98
C VAL A 26 2.49 -11.54 -21.78
N LEU A 27 1.25 -11.41 -22.25
CA LEU A 27 0.21 -12.46 -22.15
C LEU A 27 -0.10 -12.96 -23.55
N THR A 28 0.23 -14.21 -23.82
CA THR A 28 0.01 -14.80 -25.15
C THR A 28 -1.10 -15.82 -24.99
N LYS A 29 -2.18 -15.67 -25.77
CA LYS A 29 -3.25 -16.67 -25.80
C LYS A 29 -2.78 -17.86 -26.64
N CYS A 30 -2.69 -19.04 -25.99
CA CYS A 30 -2.46 -20.37 -26.63
C CYS A 30 -3.68 -21.25 -26.37
N GLY A 31 -4.73 -21.00 -27.14
CA GLY A 31 -6.03 -21.64 -26.96
C GLY A 31 -6.52 -21.44 -25.54
N SER A 32 -6.65 -22.52 -24.78
CA SER A 32 -7.32 -22.51 -23.46
C SER A 32 -6.42 -21.93 -22.37
N GLN A 33 -5.15 -21.70 -22.69
CA GLN A 33 -4.15 -21.27 -21.68
C GLN A 33 -3.56 -19.93 -22.10
N ILE A 34 -3.27 -19.09 -21.11
CA ILE A 34 -2.46 -17.87 -21.32
C ILE A 34 -1.03 -18.22 -20.90
N LEU A 35 -0.07 -18.04 -21.83
CA LEU A 35 1.37 -18.13 -21.54
C LEU A 35 1.80 -16.73 -21.10
N ALA A 36 2.35 -16.59 -19.91
CA ALA A 36 2.62 -15.29 -19.30
C ALA A 36 4.13 -15.17 -19.04
N ASN A 37 4.65 -13.98 -19.32
CA ASN A 37 6.06 -13.63 -19.03
C ASN A 37 6.06 -12.32 -18.24
N VAL A 38 6.73 -12.26 -17.08
CA VAL A 38 6.72 -11.03 -16.24
C VAL A 38 8.11 -10.70 -15.71
N SER A 39 8.43 -9.43 -15.65
CA SER A 39 9.60 -8.91 -14.92
C SER A 39 9.20 -7.58 -14.29
N LEU A 40 9.99 -7.13 -13.34
CA LEU A 40 9.76 -5.86 -12.63
C LEU A 40 11.10 -5.15 -12.44
N ILE A 41 11.13 -3.86 -12.81
CA ILE A 41 12.23 -2.93 -12.47
C ILE A 41 11.59 -1.83 -11.63
N ILE A 42 12.16 -1.53 -10.50
CA ILE A 42 11.69 -0.41 -9.66
C ILE A 42 12.69 0.73 -9.86
N VAL A 43 12.18 1.86 -10.31
N VAL A 43 12.24 1.89 -10.33
CA VAL A 43 12.99 3.00 -10.81
CA VAL A 43 13.14 3.00 -10.75
C VAL A 43 13.07 4.11 -9.76
C VAL A 43 13.02 4.21 -9.82
N ASN A 44 12.06 4.23 -8.89
CA ASN A 44 11.98 5.34 -7.91
C ASN A 44 11.24 4.82 -6.68
N GLY A 45 11.06 5.68 -5.69
CA GLY A 45 10.29 5.34 -4.49
C GLY A 45 11.06 4.43 -3.55
N LYS A 46 10.42 4.00 -2.48
CA LYS A 46 11.13 3.45 -1.31
C LYS A 46 11.66 2.06 -1.68
N PHE A 47 11.10 1.41 -2.70
CA PHE A 47 11.51 0.02 -3.06
C PHE A 47 12.55 -0.01 -4.19
N LYS A 48 12.95 1.14 -4.72
CA LYS A 48 14.00 1.16 -5.79
C LYS A 48 15.27 0.43 -5.30
N ILE A 49 15.71 0.76 -4.10
CA ILE A 49 16.87 0.11 -3.45
C ILE A 49 16.35 -0.46 -2.14
N LEU A 50 16.35 -1.78 -1.99
CA LEU A 50 15.93 -2.42 -0.72
C LEU A 50 17.00 -2.10 0.31
N ASN A 51 16.60 -1.34 1.34
CA ASN A 51 17.44 -0.97 2.47
C ASN A 51 16.75 -1.47 3.76
N ASN A 52 16.24 -2.70 3.77
CA ASN A 52 15.62 -3.31 4.97
C ASN A 52 16.58 -3.28 6.15
N LYS A 53 17.86 -3.51 5.89
CA LYS A 53 18.84 -3.65 6.98
C LYS A 53 18.96 -2.32 7.73
N THR A 54 18.87 -1.17 7.06
CA THR A 54 19.07 0.15 7.72
C THR A 54 17.75 0.94 7.85
N ASP A 55 16.64 0.38 7.38
CA ASP A 55 15.28 0.98 7.53
C ASP A 55 14.30 -0.11 7.96
N PRO A 56 14.18 -0.39 9.25
CA PRO A 56 13.25 -1.41 9.75
C PRO A 56 11.75 -1.09 9.49
N SER A 57 11.42 0.12 9.06
CA SER A 57 10.02 0.51 8.73
C SER A 57 9.70 0.09 7.29
N LEU A 58 10.70 -0.28 6.46
CA LEU A 58 10.43 -0.66 5.07
C LEU A 58 9.82 -2.03 5.06
N PRO A 59 8.68 -2.21 4.37
CA PRO A 59 8.07 -3.54 4.23
C PRO A 59 9.01 -4.52 3.51
N LYS A 60 8.77 -5.82 3.75
CA LYS A 60 9.44 -6.97 3.06
C LYS A 60 8.46 -7.64 2.11
N SER A 61 7.38 -6.95 1.72
CA SER A 61 6.46 -7.44 0.68
C SER A 61 5.60 -6.28 0.17
N PHE A 62 5.16 -6.41 -1.07
CA PHE A 62 4.20 -5.51 -1.68
C PHE A 62 3.40 -6.23 -2.74
N ASN A 63 2.32 -5.60 -3.18
CA ASN A 63 1.47 -6.17 -4.26
C ASN A 63 1.48 -5.25 -5.49
N ILE A 64 1.42 -5.87 -6.67
CA ILE A 64 1.00 -5.20 -7.92
C ILE A 64 -0.29 -5.91 -8.31
N LYS A 65 -1.40 -5.19 -8.26
CA LYS A 65 -2.74 -5.73 -8.50
C LYS A 65 -3.25 -5.27 -9.87
N LEU A 66 -3.61 -6.23 -10.73
N LEU A 66 -3.62 -6.23 -10.72
CA LEU A 66 -4.35 -5.98 -12.00
CA LEU A 66 -4.36 -6.01 -11.99
C LEU A 66 -5.80 -6.39 -11.75
C LEU A 66 -5.81 -6.39 -11.73
N LEU A 67 -6.64 -5.39 -11.45
CA LEU A 67 -8.08 -5.56 -11.13
C LEU A 67 -8.77 -5.28 -12.44
N PHE A 68 -9.49 -6.26 -12.99
CA PHE A 68 -10.21 -6.11 -14.26
C PHE A 68 -11.70 -5.95 -13.99
N ASP A 69 -12.34 -5.10 -14.79
CA ASP A 69 -13.81 -5.03 -14.90
C ASP A 69 -14.26 -6.21 -15.77
N GLN A 70 -15.56 -6.43 -15.85
CA GLN A 70 -16.18 -7.59 -16.53
C GLN A 70 -15.89 -7.58 -18.05
N ASN A 71 -15.38 -6.44 -18.57
CA ASN A 71 -14.92 -6.35 -19.99
C ASN A 71 -13.43 -6.74 -20.13
N GLY A 72 -12.72 -7.01 -19.03
CA GLY A 72 -11.28 -7.34 -19.10
C GLY A 72 -10.44 -6.08 -19.24
N VAL A 73 -10.94 -4.97 -18.73
CA VAL A 73 -10.23 -3.66 -18.79
C VAL A 73 -9.88 -3.29 -17.35
N LEU A 74 -8.66 -2.85 -17.15
CA LEU A 74 -8.18 -2.50 -15.80
C LEU A 74 -9.06 -1.42 -15.14
N LEU A 75 -9.28 -1.60 -13.83
CA LEU A 75 -9.98 -0.65 -12.95
C LEU A 75 -9.00 0.30 -12.28
N GLU A 76 -9.53 1.43 -11.85
CA GLU A 76 -8.75 2.56 -11.31
C GLU A 76 -7.91 2.11 -10.13
N ASN A 77 -8.39 1.19 -9.31
CA ASN A 77 -7.69 0.81 -8.04
C ASN A 77 -6.50 -0.11 -8.36
N SER A 78 -6.31 -0.56 -9.61
CA SER A 78 -5.10 -1.31 -10.00
C SER A 78 -3.82 -0.49 -9.80
N ASN A 79 -2.67 -1.17 -9.80
CA ASN A 79 -1.37 -0.47 -9.65
C ASN A 79 -0.95 0.15 -10.99
N ILE A 80 -1.62 -0.28 -12.06
CA ILE A 80 -1.31 0.15 -13.46
C ILE A 80 -2.59 0.69 -14.08
N GLU A 81 -2.51 1.80 -14.80
CA GLU A 81 -3.68 2.38 -15.49
C GLU A 81 -4.05 1.50 -16.69
N LYS A 82 -5.31 1.55 -17.12
CA LYS A 82 -5.84 0.71 -18.23
C LYS A 82 -5.15 1.01 -19.56
N GLN A 83 -4.53 2.18 -19.75
CA GLN A 83 -3.87 2.46 -21.06
C GLN A 83 -2.62 1.56 -21.24
N TYR A 84 -2.10 0.99 -20.17
CA TYR A 84 -0.74 0.36 -20.24
C TYR A 84 -0.80 -1.12 -20.67
N LEU A 85 -1.98 -1.68 -20.95
CA LEU A 85 -2.12 -3.01 -21.64
C LEU A 85 -2.77 -2.83 -22.99
N ASN A 86 -2.15 -3.36 -24.05
CA ASN A 86 -2.65 -3.23 -25.44
C ASN A 86 -2.51 -4.54 -26.18
N PHE A 87 -3.34 -4.76 -27.18
CA PHE A 87 -3.17 -5.86 -28.15
C PHE A 87 -2.01 -5.56 -29.12
N ARG A 88 -1.26 -6.60 -29.46
CA ARG A 88 -0.16 -6.57 -30.47
C ARG A 88 -0.76 -6.67 -31.87
N SER A 89 -0.23 -5.86 -32.80
CA SER A 89 -0.59 -5.78 -34.24
C SER A 89 -1.04 -7.15 -34.80
N GLY A 90 -2.17 -7.15 -35.54
CA GLY A 90 -2.98 -8.30 -35.94
C GLY A 90 -2.38 -9.10 -37.10
N ASP A 91 -2.74 -10.40 -37.16
CA ASP A 91 -2.22 -11.42 -38.11
C ASP A 91 -3.36 -12.36 -38.52
N LYS A 99 -13.18 -2.22 -24.92
CA LYS A 99 -12.41 -3.21 -25.73
C LYS A 99 -13.11 -4.57 -25.63
N ASN A 100 -12.33 -5.68 -25.60
CA ASN A 100 -12.76 -6.99 -25.05
C ASN A 100 -11.55 -7.90 -24.89
N ALA A 101 -11.11 -8.11 -23.66
CA ALA A 101 -9.92 -8.92 -23.36
C ALA A 101 -10.40 -10.07 -22.50
N ILE A 102 -11.67 -10.47 -22.59
CA ILE A 102 -12.21 -11.51 -21.68
C ILE A 102 -11.44 -12.83 -21.94
N GLY A 103 -11.01 -13.05 -23.19
CA GLY A 103 -10.14 -14.18 -23.59
C GLY A 103 -8.81 -14.25 -22.84
N PHE A 104 -8.39 -13.19 -22.14
CA PHE A 104 -7.10 -13.16 -21.37
C PHE A 104 -7.38 -13.24 -19.86
N MET A 105 -8.64 -13.33 -19.48
CA MET A 105 -9.02 -13.27 -18.06
C MET A 105 -8.87 -14.66 -17.45
N PRO A 106 -8.52 -14.75 -16.16
CA PRO A 106 -8.41 -16.03 -15.46
C PRO A 106 -9.81 -16.65 -15.30
N ASN A 107 -9.89 -17.89 -15.72
CA ASN A 107 -11.12 -18.70 -15.75
C ASN A 107 -11.82 -18.74 -14.39
N LEU A 108 -13.11 -18.44 -14.40
CA LEU A 108 -13.95 -18.32 -13.18
C LEU A 108 -14.23 -19.71 -12.62
N LEU A 109 -14.33 -20.74 -13.44
CA LEU A 109 -14.57 -22.09 -12.88
C LEU A 109 -13.29 -22.65 -12.28
N ALA A 110 -12.15 -22.48 -12.93
CA ALA A 110 -10.88 -22.99 -12.39
C ALA A 110 -10.44 -22.16 -11.17
N TYR A 111 -10.69 -20.86 -11.22
CA TYR A 111 -10.17 -19.90 -10.21
C TYR A 111 -11.36 -19.13 -9.65
N ALA A 112 -12.17 -19.81 -8.85
CA ALA A 112 -13.45 -19.27 -8.35
C ALA A 112 -13.11 -18.20 -7.32
N LYS A 113 -13.98 -17.20 -7.21
CA LYS A 113 -13.90 -16.20 -6.11
C LYS A 113 -14.17 -16.90 -4.77
N ALA A 114 -13.66 -16.34 -3.67
CA ALA A 114 -14.09 -16.72 -2.28
C ALA A 114 -15.61 -16.70 -2.28
N THR A 115 -16.25 -17.77 -1.80
CA THR A 115 -17.74 -17.92 -1.85
C THR A 115 -18.37 -16.94 -0.85
N THR A 116 -17.68 -16.65 0.24
CA THR A 116 -18.25 -16.15 1.52
C THR A 116 -17.28 -15.07 2.04
N ASP A 117 -17.53 -14.51 3.23
CA ASP A 117 -16.59 -13.59 3.93
C ASP A 117 -15.61 -14.39 4.80
N GLN A 118 -16.09 -15.50 5.41
CA GLN A 118 -15.30 -16.52 6.16
C GLN A 118 -14.67 -17.58 5.23
N SER A 119 -14.66 -17.38 3.91
CA SER A 119 -14.24 -18.42 2.95
C SER A 119 -12.89 -18.07 2.32
N LYS A 120 -12.15 -19.10 1.94
CA LYS A 120 -10.84 -18.96 1.25
C LYS A 120 -11.03 -19.45 -0.18
N ILE A 121 -10.22 -18.94 -1.08
CA ILE A 121 -10.04 -19.51 -2.44
C ILE A 121 -9.33 -20.87 -2.29
N TYR A 122 -9.48 -21.74 -3.29
CA TYR A 122 -8.62 -22.94 -3.45
C TYR A 122 -7.19 -22.50 -3.75
N ALA A 123 -6.23 -23.30 -3.33
CA ALA A 123 -4.80 -23.02 -3.57
C ALA A 123 -4.50 -23.01 -5.06
N ARG A 124 -5.27 -23.72 -5.86
CA ARG A 124 -4.96 -23.73 -7.33
C ARG A 124 -5.07 -22.35 -7.94
N ASN A 125 -5.75 -21.38 -7.30
CA ASN A 125 -5.79 -19.99 -7.79
C ASN A 125 -4.41 -19.32 -7.71
N THR A 126 -3.40 -19.95 -7.11
CA THR A 126 -2.07 -19.34 -6.86
C THR A 126 -0.96 -20.14 -7.54
N ILE A 127 0.03 -19.41 -8.03
CA ILE A 127 1.35 -19.92 -8.49
C ILE A 127 2.41 -19.31 -7.60
N TYR A 128 3.38 -20.10 -7.18
CA TYR A 128 4.61 -19.61 -6.54
C TYR A 128 5.80 -19.79 -7.46
N GLY A 129 6.67 -18.80 -7.45
CA GLY A 129 7.97 -18.87 -8.13
C GLY A 129 9.01 -18.10 -7.34
N ASN A 130 10.26 -18.39 -7.64
CA ASN A 130 11.41 -17.66 -7.06
C ASN A 130 12.02 -16.81 -8.18
N ILE A 131 12.18 -15.53 -7.95
CA ILE A 131 12.95 -14.64 -8.87
C ILE A 131 14.09 -14.02 -8.07
N TYR A 132 14.97 -13.28 -8.73
CA TYR A 132 16.25 -12.85 -8.11
C TYR A 132 16.47 -11.40 -8.43
N LEU A 133 16.92 -10.65 -7.43
CA LEU A 133 17.22 -9.22 -7.61
C LEU A 133 18.68 -9.05 -8.01
N ASP A 134 18.87 -8.11 -8.94
CA ASP A 134 20.21 -7.66 -9.40
C ASP A 134 20.94 -8.86 -9.99
N ASN A 135 20.21 -9.81 -10.52
CA ASN A 135 20.79 -10.96 -11.27
C ASN A 135 21.75 -11.77 -10.39
N GLN A 136 21.45 -11.91 -9.09
CA GLN A 136 22.28 -12.73 -8.18
C GLN A 136 21.41 -13.76 -7.50
N PRO A 137 21.85 -15.03 -7.46
CA PRO A 137 21.05 -16.10 -6.87
C PRO A 137 20.94 -16.02 -5.34
N TYR A 138 21.71 -15.16 -4.68
CA TYR A 138 21.62 -14.94 -3.22
C TYR A 138 20.65 -13.79 -2.89
N ASN A 139 19.95 -13.26 -3.89
CA ASN A 139 18.90 -12.24 -3.65
C ASN A 139 17.53 -12.77 -4.06
N PRO A 140 17.02 -13.86 -3.45
CA PRO A 140 15.74 -14.40 -3.85
C PRO A 140 14.58 -13.50 -3.38
N VAL A 141 13.55 -13.49 -4.20
CA VAL A 141 12.22 -12.93 -3.84
C VAL A 141 11.20 -13.98 -4.25
N VAL A 142 10.22 -14.20 -3.40
CA VAL A 142 9.08 -15.10 -3.74
C VAL A 142 8.08 -14.28 -4.53
N ILE A 143 7.78 -14.71 -5.75
CA ILE A 143 6.69 -14.11 -6.53
C ILE A 143 5.48 -15.03 -6.37
N LYS A 144 4.38 -14.48 -5.90
CA LYS A 144 3.18 -15.26 -5.63
C LYS A 144 2.08 -14.65 -6.47
N ILE A 145 1.55 -15.41 -7.42
CA ILE A 145 0.57 -14.86 -8.40
C ILE A 145 -0.77 -15.48 -8.08
N THR A 146 -1.77 -14.67 -7.76
CA THR A 146 -3.11 -15.17 -7.38
C THR A 146 -4.19 -14.63 -8.34
N PHE A 147 -5.06 -15.51 -8.79
CA PHE A 147 -6.18 -15.16 -9.68
C PHE A 147 -7.48 -15.01 -8.91
N ASN A 148 -8.21 -13.93 -9.23
CA ASN A 148 -9.67 -13.81 -8.93
C ASN A 148 -9.90 -13.73 -7.40
N ASN A 149 -9.00 -13.09 -6.67
CA ASN A 149 -9.10 -13.06 -5.19
C ASN A 149 -9.23 -11.62 -4.68
N GLU A 150 -9.61 -10.66 -5.51
CA GLU A 150 -9.65 -9.22 -5.09
C GLU A 150 -11.10 -8.73 -5.02
N ALA A 151 -11.41 -8.00 -3.94
CA ALA A 151 -12.68 -7.28 -3.77
C ALA A 151 -12.84 -6.27 -4.91
N ASP A 152 -14.11 -6.05 -5.30
CA ASP A 152 -14.57 -4.89 -6.09
C ASP A 152 -13.96 -5.02 -7.48
N SER A 153 -13.78 -6.25 -7.95
CA SER A 153 -13.26 -6.52 -9.32
C SER A 153 -13.96 -7.76 -9.90
N ALA A 154 -14.07 -7.81 -11.23
CA ALA A 154 -14.63 -8.98 -11.95
C ALA A 154 -13.63 -10.13 -12.03
N TYR A 155 -12.38 -9.77 -12.35
CA TYR A 155 -11.24 -10.69 -12.47
C TYR A 155 -10.08 -9.96 -11.86
N SER A 156 -9.07 -10.71 -11.46
CA SER A 156 -7.83 -10.08 -11.01
C SER A 156 -6.65 -10.99 -11.24
N ILE A 157 -5.53 -10.37 -11.43
CA ILE A 157 -4.20 -11.01 -11.32
C ILE A 157 -3.44 -10.18 -10.29
N THR A 158 -3.04 -10.80 -9.17
CA THR A 158 -2.25 -10.13 -8.13
C THR A 158 -0.85 -10.71 -8.09
N PHE A 159 0.15 -9.86 -8.21
CA PHE A 159 1.57 -10.23 -8.07
C PHE A 159 2.02 -9.78 -6.70
N ASN A 160 2.17 -10.71 -5.80
CA ASN A 160 2.73 -10.45 -4.47
C ASN A 160 4.24 -10.79 -4.53
N TYR A 161 5.05 -9.83 -4.14
CA TYR A 161 6.53 -9.96 -4.01
C TYR A 161 6.88 -9.94 -2.54
N SER A 162 7.56 -10.95 -2.05
CA SER A 162 7.97 -10.99 -0.63
C SER A 162 9.38 -11.58 -0.49
N TRP A 163 10.02 -11.22 0.61
CA TRP A 163 11.39 -11.67 0.88
C TRP A 163 11.62 -11.74 2.36
N THR A 164 12.61 -12.54 2.76
CA THR A 164 12.90 -12.80 4.19
C THR A 164 14.24 -12.18 4.59
N LYS A 165 15.20 -12.08 3.69
CA LYS A 165 16.51 -11.44 4.00
C LYS A 165 16.34 -9.94 4.28
N ASP A 166 17.04 -9.40 5.29
CA ASP A 166 17.12 -7.94 5.55
C ASP A 166 18.08 -7.32 4.52
N TYR A 167 17.65 -7.19 3.27
CA TYR A 167 18.49 -6.70 2.15
C TYR A 167 19.11 -5.36 2.51
N ASP A 168 20.36 -5.19 2.08
CA ASP A 168 21.22 -4.04 2.41
C ASP A 168 21.65 -3.40 1.08
N ASN A 169 20.85 -2.43 0.61
N ASN A 169 20.93 -2.42 0.53
CA ASN A 169 21.05 -1.57 -0.58
CA ASN A 169 21.41 -1.65 -0.65
C ASN A 169 21.19 -2.51 -1.80
C ASN A 169 21.15 -2.45 -1.95
N ILE A 170 20.14 -3.32 -2.01
CA ILE A 170 19.95 -4.19 -3.20
C ILE A 170 18.89 -3.57 -4.11
N PRO A 171 19.24 -3.25 -5.39
CA PRO A 171 18.29 -2.70 -6.33
C PRO A 171 17.23 -3.75 -6.66
N PHE A 172 15.98 -3.32 -6.65
CA PHE A 172 14.85 -4.14 -7.13
C PHE A 172 14.80 -4.06 -8.65
N ASP A 173 15.65 -4.88 -9.23
CA ASP A 173 15.83 -5.15 -10.68
C ASP A 173 15.69 -6.66 -10.85
N SER A 174 14.51 -7.13 -11.20
CA SER A 174 14.14 -8.57 -11.02
C SER A 174 14.46 -9.33 -12.32
N THR A 175 14.81 -10.61 -12.17
CA THR A 175 14.88 -11.60 -13.27
C THR A 175 13.47 -11.89 -13.77
N SER A 176 13.39 -12.54 -14.92
CA SER A 176 12.12 -12.82 -15.61
C SER A 176 11.53 -14.13 -15.07
N PHE A 177 10.22 -14.30 -15.20
CA PHE A 177 9.49 -15.50 -14.71
C PHE A 177 8.40 -15.82 -15.72
N THR A 178 8.27 -17.08 -16.08
CA THR A 178 7.23 -17.56 -16.99
C THR A 178 6.22 -18.36 -16.17
N PHE A 179 4.94 -18.27 -16.50
CA PHE A 179 3.88 -19.09 -15.90
C PHE A 179 2.74 -19.15 -16.89
N SER A 180 1.76 -19.96 -16.57
CA SER A 180 0.56 -20.04 -17.43
C SER A 180 -0.64 -20.10 -16.51
N TYR A 181 -1.80 -19.75 -17.04
CA TYR A 181 -3.10 -19.92 -16.34
C TYR A 181 -4.19 -20.21 -17.36
N ILE A 182 -5.27 -20.78 -16.87
CA ILE A 182 -6.43 -21.16 -17.71
C ILE A 182 -7.30 -19.94 -18.00
N ALA A 183 -7.65 -19.76 -19.27
CA ALA A 183 -8.36 -18.60 -19.80
C ALA A 183 -9.87 -18.74 -19.58
N GLN A 184 -10.57 -17.62 -19.35
CA GLN A 184 -12.05 -17.59 -19.17
C GLN A 184 -12.77 -18.06 -20.44
N GLU A 185 -12.27 -17.68 -21.62
CA GLU A 185 -12.96 -18.07 -22.88
C GLU A 185 -11.92 -18.06 -24.00
N LEU B 1 -10.07 25.50 19.53
CA LEU B 1 -10.69 24.97 18.29
C LEU B 1 -10.17 23.55 18.01
N THR B 2 -11.06 22.68 17.56
CA THR B 2 -10.76 21.24 17.43
C THR B 2 -11.09 20.85 15.99
N LEU B 3 -10.20 20.12 15.36
CA LEU B 3 -10.44 19.37 14.11
C LEU B 3 -10.36 17.88 14.45
N TRP B 4 -11.41 17.12 14.20
CA TRP B 4 -11.49 15.72 14.69
C TRP B 4 -12.30 14.82 13.74
N THR B 5 -12.01 13.55 13.87
CA THR B 5 -12.86 12.44 13.42
C THR B 5 -14.07 12.31 14.36
N THR B 6 -14.99 11.44 13.98
CA THR B 6 -16.01 10.94 14.93
C THR B 6 -15.27 10.11 15.98
N LEU B 7 -15.91 9.90 17.11
CA LEU B 7 -15.27 9.14 18.21
C LEU B 7 -15.83 7.71 18.29
N ASP B 8 -16.83 7.37 17.46
CA ASP B 8 -17.43 6.01 17.53
C ASP B 8 -16.47 5.02 16.85
N PRO B 9 -16.81 3.71 16.82
CA PRO B 9 -15.91 2.72 16.25
C PRO B 9 -16.06 2.56 14.72
N SER B 10 -16.99 3.29 14.10
CA SER B 10 -17.38 3.21 12.66
C SER B 10 -16.16 3.43 11.80
N PRO B 11 -15.81 2.57 10.82
CA PRO B 11 -14.59 2.80 10.06
C PRO B 11 -14.61 4.09 9.24
N ASN B 12 -13.45 4.70 9.03
CA ASN B 12 -13.28 5.95 8.24
C ASN B 12 -12.03 5.89 7.35
N CYS B 13 -11.38 4.74 7.25
CA CYS B 13 -10.01 4.64 6.71
C CYS B 13 -9.84 3.39 5.86
N LYS B 14 -8.98 3.48 4.82
CA LYS B 14 -8.57 2.29 4.02
C LYS B 14 -7.06 2.10 4.20
N ILE B 15 -6.68 1.01 4.83
CA ILE B 15 -5.26 0.57 4.84
C ILE B 15 -5.10 -0.47 3.73
N ASP B 16 -5.87 -1.55 3.77
CA ASP B 16 -5.84 -2.63 2.74
C ASP B 16 -7.11 -2.53 1.89
N ILE B 17 -8.27 -2.75 2.49
CA ILE B 17 -9.59 -2.71 1.78
C ILE B 17 -10.42 -1.53 2.30
N GLU B 18 -11.43 -1.13 1.51
CA GLU B 18 -12.29 0.05 1.80
C GLU B 18 -12.82 -0.11 3.23
N LYS B 19 -12.72 0.96 4.01
CA LYS B 19 -13.38 1.01 5.34
C LYS B 19 -12.94 -0.15 6.21
N ASP B 20 -11.63 -0.44 6.22
CA ASP B 20 -11.16 -1.58 7.03
C ASP B 20 -10.74 -1.08 8.39
N SER B 21 -10.73 0.22 8.64
CA SER B 21 -10.17 0.74 9.90
C SER B 21 -10.79 2.06 10.34
N LYS B 22 -10.68 2.33 11.64
CA LYS B 22 -11.13 3.59 12.28
C LYS B 22 -9.88 4.24 12.84
N LEU B 23 -9.40 5.32 12.24
CA LEU B 23 -8.38 6.19 12.86
C LEU B 23 -9.15 7.25 13.66
N THR B 24 -9.06 7.23 14.98
CA THR B 24 -9.66 8.28 15.80
C THR B 24 -8.58 9.31 16.02
N LEU B 25 -8.80 10.53 15.54
CA LEU B 25 -7.80 11.59 15.58
C LEU B 25 -8.45 12.88 16.03
N VAL B 26 -7.94 13.44 17.13
CA VAL B 26 -8.39 14.71 17.73
C VAL B 26 -7.23 15.69 17.74
N LEU B 27 -7.41 16.80 17.01
CA LEU B 27 -6.41 17.88 16.87
C LEU B 27 -6.98 19.10 17.56
N THR B 28 -6.32 19.55 18.62
CA THR B 28 -6.77 20.71 19.39
C THR B 28 -5.73 21.80 19.21
N LYS B 29 -6.15 22.97 18.72
CA LYS B 29 -5.28 24.14 18.59
C LYS B 29 -5.10 24.77 19.97
N CYS B 30 -3.86 24.76 20.48
CA CYS B 30 -3.39 25.50 21.68
C CYS B 30 -2.33 26.52 21.27
N GLY B 31 -2.81 27.65 20.78
CA GLY B 31 -1.99 28.72 20.17
C GLY B 31 -1.11 28.14 19.08
N SER B 32 0.19 28.16 19.31
CA SER B 32 1.21 27.83 18.28
C SER B 32 1.38 26.32 18.10
N GLN B 33 0.74 25.51 18.97
CA GLN B 33 0.93 24.06 18.97
C GLN B 33 -0.40 23.37 18.74
N ILE B 34 -0.37 22.27 18.01
CA ILE B 34 -1.52 21.35 17.93
C ILE B 34 -1.27 20.23 18.95
N LEU B 35 -2.21 20.04 19.88
CA LEU B 35 -2.20 18.88 20.78
C LEU B 35 -2.99 17.77 20.07
N ALA B 36 -2.37 16.62 19.86
CA ALA B 36 -2.93 15.57 19.03
C ALA B 36 -3.12 14.30 19.87
N ASN B 37 -4.25 13.64 19.64
CA ASN B 37 -4.58 12.34 20.28
C ASN B 37 -4.98 11.37 19.16
N VAL B 38 -4.35 10.18 19.09
CA VAL B 38 -4.62 9.22 17.99
C VAL B 38 -4.78 7.81 18.53
N SER B 39 -5.69 7.07 17.97
CA SER B 39 -5.78 5.60 18.15
C SER B 39 -6.20 4.98 16.81
N LEU B 40 -6.03 3.68 16.70
CA LEU B 40 -6.39 2.93 15.48
C LEU B 40 -7.02 1.60 15.88
N ILE B 41 -8.16 1.31 15.28
CA ILE B 41 -8.82 -0.01 15.35
C ILE B 41 -8.90 -0.50 13.91
N ILE B 42 -8.42 -1.70 13.64
CA ILE B 42 -8.56 -2.31 12.29
C ILE B 42 -9.68 -3.34 12.39
N VAL B 43 -10.68 -3.17 11.54
N VAL B 43 -10.73 -3.19 11.57
CA VAL B 43 -11.99 -3.85 11.64
CA VAL B 43 -11.99 -3.98 11.71
C VAL B 43 -12.10 -4.95 10.58
C VAL B 43 -12.16 -4.94 10.54
N ASN B 44 -11.36 -4.85 9.48
CA ASN B 44 -11.47 -5.77 8.32
C ASN B 44 -10.12 -5.79 7.59
N GLY B 45 -10.02 -6.59 6.54
CA GLY B 45 -8.81 -6.65 5.71
C GLY B 45 -7.66 -7.39 6.41
N LYS B 46 -6.51 -7.39 5.78
CA LYS B 46 -5.43 -8.37 6.09
C LYS B 46 -4.81 -7.99 7.44
N PHE B 47 -4.96 -6.75 7.90
CA PHE B 47 -4.31 -6.28 9.15
C PHE B 47 -5.26 -6.33 10.34
N LYS B 48 -6.50 -6.76 10.17
CA LYS B 48 -7.45 -6.86 11.31
C LYS B 48 -6.87 -7.75 12.41
N ILE B 49 -6.38 -8.91 12.01
CA ILE B 49 -5.69 -9.87 12.89
C ILE B 49 -4.28 -10.04 12.33
N LEU B 50 -3.25 -9.65 13.06
CA LEU B 50 -1.85 -9.84 12.63
C LEU B 50 -1.56 -11.33 12.75
N ASN B 51 -1.33 -11.96 11.60
CA ASN B 51 -0.97 -13.36 11.45
C ASN B 51 0.39 -13.43 10.74
N ASN B 52 1.36 -12.59 11.08
CA ASN B 52 2.74 -12.66 10.53
C ASN B 52 3.31 -14.07 10.71
N LYS B 53 3.04 -14.71 11.84
CA LYS B 53 3.70 -16.00 12.12
C LYS B 53 3.24 -17.03 11.10
N THR B 54 1.99 -17.01 10.62
CA THR B 54 1.49 -18.06 9.70
C THR B 54 1.31 -17.53 8.26
N ASP B 55 1.53 -16.23 8.02
CA ASP B 55 1.50 -15.63 6.67
C ASP B 55 2.75 -14.78 6.47
N PRO B 56 3.88 -15.36 6.02
CA PRO B 56 5.10 -14.58 5.80
C PRO B 56 4.98 -13.47 4.72
N SER B 57 3.90 -13.48 3.93
CA SER B 57 3.70 -12.44 2.88
C SER B 57 3.06 -11.20 3.51
N LEU B 58 2.57 -11.28 4.76
CA LEU B 58 1.92 -10.11 5.39
C LEU B 58 3.01 -9.12 5.78
N PRO B 59 2.87 -7.84 5.40
CA PRO B 59 3.81 -6.81 5.85
C PRO B 59 3.86 -6.66 7.37
N LYS B 60 4.99 -6.18 7.88
CA LYS B 60 5.17 -5.79 9.31
C LYS B 60 5.20 -4.27 9.44
N SER B 61 4.66 -3.57 8.45
CA SER B 61 4.45 -2.10 8.57
C SER B 61 3.45 -1.63 7.52
N PHE B 62 2.81 -0.52 7.79
CA PHE B 62 1.93 0.16 6.83
C PHE B 62 1.87 1.64 7.18
N ASN B 63 1.34 2.44 6.24
CA ASN B 63 1.17 3.89 6.47
C ASN B 63 -0.31 4.28 6.45
N ILE B 64 -0.68 5.26 7.26
CA ILE B 64 -1.94 6.04 7.10
C ILE B 64 -1.45 7.44 6.81
N LYS B 65 -1.72 7.92 5.61
CA LYS B 65 -1.24 9.23 5.13
C LYS B 65 -2.40 10.22 5.08
N LEU B 66 -2.25 11.37 5.72
N LEU B 66 -2.24 11.37 5.73
CA LEU B 66 -3.16 12.53 5.64
CA LEU B 66 -3.13 12.55 5.63
C LEU B 66 -2.43 13.56 4.76
C LEU B 66 -2.39 13.55 4.75
N LEU B 67 -2.74 13.56 3.47
CA LEU B 67 -2.14 14.45 2.45
C LEU B 67 -3.10 15.62 2.38
N PHE B 68 -2.63 16.81 2.70
CA PHE B 68 -3.47 18.02 2.64
C PHE B 68 -3.10 18.88 1.42
N ASP B 69 -4.13 19.43 0.77
CA ASP B 69 -3.97 20.53 -0.20
C ASP B 69 -3.65 21.82 0.58
N GLN B 70 -3.27 22.87 -0.14
CA GLN B 70 -2.81 24.16 0.42
C GLN B 70 -3.92 24.82 1.27
N ASN B 71 -5.19 24.38 1.12
CA ASN B 71 -6.31 24.87 1.97
C ASN B 71 -6.43 24.08 3.27
N GLY B 72 -5.65 23.02 3.45
CA GLY B 72 -5.73 22.19 4.67
C GLY B 72 -6.89 21.20 4.59
N VAL B 73 -7.22 20.79 3.36
CA VAL B 73 -8.30 19.80 3.11
C VAL B 73 -7.63 18.56 2.53
N LEU B 74 -8.03 17.39 2.99
CA LEU B 74 -7.45 16.12 2.53
C LEU B 74 -7.61 15.92 1.01
N LEU B 75 -6.54 15.39 0.41
CA LEU B 75 -6.44 15.00 -1.01
C LEU B 75 -6.86 13.54 -1.18
N GLU B 76 -7.29 13.20 -2.39
CA GLU B 76 -7.84 11.88 -2.74
C GLU B 76 -6.85 10.77 -2.41
N ASN B 77 -5.54 10.98 -2.56
CA ASN B 77 -4.56 9.86 -2.39
C ASN B 77 -4.37 9.55 -0.90
N SER B 78 -4.93 10.34 0.02
CA SER B 78 -4.94 10.04 1.48
C SER B 78 -5.62 8.70 1.79
N ASN B 79 -5.34 8.15 2.96
CA ASN B 79 -5.99 6.89 3.39
C ASN B 79 -7.42 7.17 3.88
N ILE B 80 -7.72 8.43 4.14
CA ILE B 80 -9.04 8.91 4.68
C ILE B 80 -9.58 9.96 3.73
N GLU B 81 -10.87 9.89 3.43
CA GLU B 81 -11.57 10.89 2.58
C GLU B 81 -11.70 12.21 3.35
N LYS B 82 -11.77 13.34 2.64
CA LYS B 82 -11.82 14.69 3.24
C LYS B 82 -13.08 14.89 4.10
N GLN B 83 -14.15 14.13 3.92
CA GLN B 83 -15.37 14.31 4.76
C GLN B 83 -15.10 13.91 6.22
N TYR B 84 -14.05 13.14 6.47
CA TYR B 84 -13.94 12.44 7.79
C TYR B 84 -13.17 13.31 8.81
N LEU B 85 -12.72 14.52 8.46
CA LEU B 85 -12.25 15.54 9.43
C LEU B 85 -13.20 16.73 9.46
N ASN B 86 -13.67 17.14 10.63
CA ASN B 86 -14.58 18.28 10.80
C ASN B 86 -14.21 19.14 11.99
N PHE B 87 -14.58 20.41 11.98
CA PHE B 87 -14.51 21.30 13.16
C PHE B 87 -15.59 20.94 14.18
N ARG B 88 -15.22 20.94 15.46
CA ARG B 88 -16.15 20.77 16.61
C ARG B 88 -16.92 22.06 16.83
N SER B 89 -18.20 21.96 17.21
CA SER B 89 -19.07 23.12 17.53
C SER B 89 -18.38 24.06 18.55
N GLY B 90 -17.87 25.20 18.05
CA GLY B 90 -17.49 26.39 18.83
C GLY B 90 -18.74 27.17 19.24
N ASP B 91 -18.62 28.05 20.24
CA ASP B 91 -19.71 28.39 21.19
C ASP B 91 -20.29 29.80 20.88
N LYS B 99 -13.30 25.26 2.92
CA LYS B 99 -12.93 25.34 4.36
C LYS B 99 -11.67 26.22 4.52
N ASN B 100 -11.12 26.25 5.74
CA ASN B 100 -9.72 26.69 6.02
C ASN B 100 -9.22 26.02 7.29
N ALA B 101 -8.33 25.05 7.15
CA ALA B 101 -7.78 24.30 8.30
C ALA B 101 -6.29 24.60 8.34
N ILE B 102 -5.84 25.71 7.74
CA ILE B 102 -4.38 25.97 7.62
C ILE B 102 -3.79 26.10 9.04
N GLY B 103 -4.57 26.62 9.99
CA GLY B 103 -4.19 26.68 11.43
C GLY B 103 -3.87 25.31 12.06
N PHE B 104 -4.22 24.20 11.40
CA PHE B 104 -3.97 22.83 11.96
C PHE B 104 -2.83 22.15 11.19
N MET B 105 -2.26 22.86 10.23
CA MET B 105 -1.26 22.25 9.33
C MET B 105 0.11 22.32 10.02
N PRO B 106 0.98 21.34 9.74
CA PRO B 106 2.32 21.35 10.29
C PRO B 106 3.15 22.46 9.64
N ASN B 107 3.77 23.23 10.50
CA ASN B 107 4.53 24.47 10.17
C ASN B 107 5.63 24.17 9.14
N LEU B 108 5.66 24.95 8.08
CA LEU B 108 6.58 24.73 6.94
C LEU B 108 8.01 25.13 7.34
N LEU B 109 8.17 26.12 8.20
CA LEU B 109 9.55 26.47 8.63
C LEU B 109 10.11 25.42 9.58
N ALA B 110 9.34 24.94 10.54
CA ALA B 110 9.80 23.92 11.48
C ALA B 110 9.98 22.57 10.78
N TYR B 111 9.09 22.27 9.84
CA TYR B 111 9.00 20.94 9.20
C TYR B 111 9.09 21.16 7.70
N ALA B 112 10.26 21.53 7.23
CA ALA B 112 10.48 21.90 5.83
C ALA B 112 10.35 20.63 4.98
N LYS B 113 9.90 20.80 3.74
CA LYS B 113 9.93 19.68 2.74
C LYS B 113 11.40 19.37 2.40
N ALA B 114 11.68 18.12 1.97
CA ALA B 114 12.96 17.78 1.29
C ALA B 114 13.22 18.84 0.22
N THR B 115 14.44 19.40 0.20
CA THR B 115 14.79 20.54 -0.68
C THR B 115 14.94 20.06 -2.12
N THR B 116 15.27 18.78 -2.30
CA THR B 116 15.89 18.21 -3.52
C THR B 116 15.28 16.82 -3.72
N ASP B 117 15.76 16.03 -4.69
CA ASP B 117 15.36 14.60 -4.86
C ASP B 117 16.35 13.70 -4.09
N GLN B 118 17.64 14.08 -4.03
CA GLN B 118 18.73 13.45 -3.21
C GLN B 118 18.73 13.98 -1.77
N SER B 119 17.70 14.69 -1.32
CA SER B 119 17.70 15.37 0.00
C SER B 119 16.75 14.68 0.97
N LYS B 120 17.07 14.79 2.26
CA LYS B 120 16.27 14.20 3.36
C LYS B 120 15.68 15.38 4.13
N ILE B 121 14.55 15.16 4.77
CA ILE B 121 13.99 16.09 5.79
C ILE B 121 14.90 16.01 7.03
N TYR B 122 14.88 17.05 7.86
CA TYR B 122 15.44 17.00 9.24
C TYR B 122 14.65 15.99 10.08
N ALA B 123 15.34 15.37 11.03
CA ALA B 123 14.70 14.40 11.95
C ALA B 123 13.61 15.07 12.78
N ARG B 124 13.71 16.38 13.00
CA ARG B 124 12.66 17.03 13.84
C ARG B 124 11.28 16.94 13.19
N ASN B 125 11.19 16.63 11.88
CA ASN B 125 9.89 16.43 11.23
C ASN B 125 9.19 15.15 11.72
N THR B 126 9.82 14.34 12.56
CA THR B 126 9.30 13.04 13.01
C THR B 126 9.20 12.98 14.54
N ILE B 127 8.17 12.26 14.98
CA ILE B 127 7.96 11.83 16.38
C ILE B 127 7.91 10.32 16.37
N TYR B 128 8.58 9.69 17.33
CA TYR B 128 8.45 8.24 17.60
C TYR B 128 7.74 8.03 18.92
N GLY B 129 6.88 7.02 18.90
CA GLY B 129 6.21 6.52 20.11
C GLY B 129 6.00 5.03 20.02
N ASN B 130 5.74 4.43 21.18
CA ASN B 130 5.37 3.01 21.29
C ASN B 130 3.90 2.95 21.69
N ILE B 131 3.13 2.20 20.95
CA ILE B 131 1.73 1.83 21.34
C ILE B 131 1.63 0.30 21.39
N TYR B 132 0.49 -0.20 21.84
CA TYR B 132 0.36 -1.63 22.19
C TYR B 132 -0.91 -2.15 21.61
N LEU B 133 -0.84 -3.35 21.06
CA LEU B 133 -2.01 -4.01 20.49
C LEU B 133 -2.68 -4.88 21.55
N ASP B 134 -4.02 -4.81 21.51
CA ASP B 134 -4.93 -5.65 22.33
C ASP B 134 -4.63 -5.35 23.80
N ASN B 135 -4.17 -4.15 24.08
CA ASN B 135 -3.97 -3.65 25.47
C ASN B 135 -3.00 -4.56 26.25
N GLN B 136 -1.96 -5.09 25.57
CA GLN B 136 -0.93 -5.89 26.26
C GLN B 136 0.42 -5.26 26.00
N PRO B 137 1.28 -5.13 27.04
CA PRO B 137 2.59 -4.51 26.88
C PRO B 137 3.61 -5.36 26.11
N TYR B 138 3.31 -6.62 25.85
CA TYR B 138 4.17 -7.53 25.04
C TYR B 138 3.77 -7.49 23.56
N ASN B 139 2.87 -6.59 23.18
CA ASN B 139 2.50 -6.38 21.76
C ASN B 139 2.86 -4.97 21.32
N PRO B 140 4.14 -4.56 21.35
CA PRO B 140 4.50 -3.21 20.96
C PRO B 140 4.41 -3.01 19.44
N VAL B 141 4.02 -1.80 19.07
CA VAL B 141 4.12 -1.31 17.68
C VAL B 141 4.78 0.07 17.77
N VAL B 142 5.72 0.34 16.87
CA VAL B 142 6.32 1.69 16.77
C VAL B 142 5.39 2.53 15.93
N ILE B 143 4.92 3.65 16.48
CA ILE B 143 4.18 4.66 15.72
C ILE B 143 5.16 5.78 15.38
N LYS B 144 5.33 6.06 14.10
CA LYS B 144 6.29 7.05 13.61
C LYS B 144 5.49 8.09 12.85
N ILE B 145 5.44 9.31 13.37
CA ILE B 145 4.58 10.37 12.76
C ILE B 145 5.51 11.36 12.08
N THR B 146 5.35 11.54 10.78
CA THR B 146 6.23 12.46 10.02
C THR B 146 5.40 13.58 9.36
N PHE B 147 5.88 14.80 9.50
CA PHE B 147 5.25 16.00 8.88
C PHE B 147 5.93 16.39 7.58
N ASN B 148 5.10 16.67 6.57
CA ASN B 148 5.48 17.47 5.36
C ASN B 148 6.53 16.69 4.53
N ASN B 149 6.42 15.38 4.47
CA ASN B 149 7.41 14.55 3.75
C ASN B 149 6.77 13.77 2.59
N GLU B 150 5.60 14.17 2.10
CA GLU B 150 4.86 13.40 1.06
C GLU B 150 4.84 14.16 -0.26
N ALA B 151 5.14 13.45 -1.35
CA ALA B 151 5.01 13.94 -2.73
C ALA B 151 3.56 14.35 -2.98
N ASP B 152 3.39 15.40 -3.79
CA ASP B 152 2.12 15.74 -4.47
C ASP B 152 1.15 16.22 -3.41
N SER B 153 1.65 16.88 -2.36
CA SER B 153 0.79 17.44 -1.29
C SER B 153 1.39 18.73 -0.77
N ALA B 154 0.55 19.62 -0.25
CA ALA B 154 0.98 20.89 0.38
C ALA B 154 1.54 20.66 1.79
N TYR B 155 0.83 19.85 2.58
CA TYR B 155 1.18 19.48 3.95
C TYR B 155 0.86 18.01 4.06
N SER B 156 1.47 17.35 5.03
CA SER B 156 1.08 15.95 5.28
C SER B 156 1.34 15.60 6.72
N ILE B 157 0.55 14.70 7.21
CA ILE B 157 0.83 13.94 8.45
C ILE B 157 0.78 12.47 8.04
N THR B 158 1.91 11.77 8.20
CA THR B 158 2.02 10.32 7.91
C THR B 158 2.21 9.54 9.20
N PHE B 159 1.30 8.62 9.45
CA PHE B 159 1.40 7.68 10.58
C PHE B 159 1.94 6.38 10.02
N ASN B 160 3.18 6.09 10.31
CA ASN B 160 3.78 4.79 9.98
C ASN B 160 3.70 3.88 11.23
N TYR B 161 3.12 2.71 11.05
CA TYR B 161 3.01 1.67 12.08
C TYR B 161 3.92 0.52 11.69
N SER B 162 4.84 0.16 12.54
CA SER B 162 5.76 -0.95 12.25
C SER B 162 6.00 -1.80 13.51
N TRP B 163 6.37 -3.04 13.26
CA TRP B 163 6.62 -4.01 14.35
C TRP B 163 7.65 -5.02 13.92
N THR B 164 8.31 -5.64 14.91
CA THR B 164 9.40 -6.61 14.64
C THR B 164 8.99 -8.02 15.04
N LYS B 165 8.10 -8.21 16.02
CA LYS B 165 7.62 -9.55 16.42
C LYS B 165 6.78 -10.19 15.29
N ASP B 166 6.96 -11.50 15.02
CA ASP B 166 6.07 -12.27 14.09
C ASP B 166 4.75 -12.57 14.83
N TYR B 167 3.88 -11.60 14.95
CA TYR B 167 2.62 -11.69 15.72
C TYR B 167 1.78 -12.86 15.22
N ASP B 168 1.15 -13.54 16.16
CA ASP B 168 0.43 -14.80 15.94
C ASP B 168 -1.02 -14.59 16.40
N ASN B 169 -1.87 -14.13 15.46
N ASN B 169 -1.94 -14.12 15.55
CA ASN B 169 -3.32 -13.86 15.60
CA ASN B 169 -3.39 -14.05 15.91
C ASN B 169 -3.51 -12.87 16.76
C ASN B 169 -3.69 -12.76 16.70
N ILE B 170 -2.92 -11.70 16.59
CA ILE B 170 -3.07 -10.51 17.49
C ILE B 170 -3.95 -9.47 16.80
N PRO B 171 -5.11 -9.08 17.37
CA PRO B 171 -5.94 -8.06 16.77
C PRO B 171 -5.23 -6.71 16.81
N PHE B 172 -5.28 -6.00 15.71
CA PHE B 172 -4.81 -4.61 15.62
C PHE B 172 -5.90 -3.69 16.18
N ASP B 173 -5.88 -3.60 17.50
CA ASP B 173 -6.73 -2.76 18.36
C ASP B 173 -5.75 -1.98 19.25
N SER B 174 -5.43 -0.75 18.89
CA SER B 174 -4.24 -0.04 19.41
C SER B 174 -4.64 0.80 20.64
N THR B 175 -3.70 0.93 21.58
CA THR B 175 -3.78 1.92 22.67
C THR B 175 -3.63 3.33 22.09
N SER B 176 -3.94 4.30 22.91
CA SER B 176 -3.98 5.73 22.49
C SER B 176 -2.57 6.35 22.64
N PHE B 177 -2.30 7.41 21.89
CA PHE B 177 -0.99 8.08 21.91
C PHE B 177 -1.24 9.57 21.77
N THR B 178 -0.56 10.35 22.59
CA THR B 178 -0.63 11.82 22.55
C THR B 178 0.67 12.36 21.98
N PHE B 179 0.61 13.42 21.20
CA PHE B 179 1.80 14.13 20.70
C PHE B 179 1.40 15.56 20.38
N SER B 180 2.38 16.36 20.07
CA SER B 180 2.09 17.75 19.66
C SER B 180 2.98 18.08 18.48
N TYR B 181 2.62 19.10 17.73
CA TYR B 181 3.47 19.63 16.63
C TYR B 181 3.18 21.12 16.48
N ILE B 182 4.11 21.81 15.85
CA ILE B 182 4.03 23.27 15.68
C ILE B 182 3.14 23.59 14.48
N ALA B 183 2.25 24.54 14.67
CA ALA B 183 1.20 24.88 13.70
C ALA B 183 1.70 25.89 12.67
N GLN B 184 1.24 25.77 11.44
CA GLN B 184 1.59 26.69 10.32
C GLN B 184 1.18 28.13 10.63
N GLU B 185 0.02 28.35 11.23
CA GLU B 185 -0.43 29.73 11.52
C GLU B 185 -1.38 29.65 12.70
P PO4 C . 12.72 -23.49 -6.81
O1 PO4 C . 13.67 -24.69 -6.85
O2 PO4 C . 13.53 -22.22 -6.55
O3 PO4 C . 11.70 -23.69 -5.70
O4 PO4 C . 12.00 -23.37 -8.15
C1 GOL D . -1.56 -3.16 0.19
O1 GOL D . -2.96 -3.39 0.28
C2 GOL D . -1.04 -3.24 -1.22
O2 GOL D . -1.99 -3.95 -2.01
C3 GOL D . 0.34 -3.89 -1.33
O3 GOL D . 1.36 -3.08 -1.93
P PO4 E . 9.41 4.22 25.57
O1 PO4 E . 8.53 3.00 25.31
O2 PO4 E . 10.47 4.32 24.47
O3 PO4 E . 10.10 4.07 26.93
O4 PO4 E . 8.55 5.48 25.57
#